data_8QGI
#
_entry.id   8QGI
#
_cell.length_a   62.915
_cell.length_b   75.306
_cell.length_c   118.523
_cell.angle_alpha   90.000
_cell.angle_beta   90.000
_cell.angle_gamma   90.000
#
_symmetry.space_group_name_H-M   'I 2 2 2'
#
loop_
_entity.id
_entity.type
_entity.pdbx_description
1 polymer 'NAD kinase 1'
2 non-polymer 'CITRIC ACID'
3 non-polymer 1-[[(2~{R},3~{S},4~{R},5~{R})-5-[8-[3-[[(2~{R},3~{S},4~{R},5~{R})-5-(6-aminopurin-9-yl)-3,4-bis(oxidanyl)oxolan-2-yl]methyl-(3-azanylpropyl)amino]prop-1-ynyl]-6-azanyl-purin-9-yl]-3,4-bis(oxidanyl)oxolan-2-yl]methyl]-3-(phenylmethyl)urea
4 water water
#
_entity_poly.entity_id   1
_entity_poly.type   'polypeptide(L)'
_entity_poly.pdbx_seq_one_letter_code
;MKYMITSKGDEKSDLLRLNMIAGFGEYDMEYDDVEPEIVISIGGDGTFLSAFHQYEERLDEIAFIGIHTGHLGFYADWRP
AEADKLVKLLAKGEYQKVSYPLLKTTVKYGIGKKEATYLALNESTVKSSGGPFVVDVVINDIHFERFRGDGLCMSTPSGT
TAYNKSLGGALMHPSIEAMQLTEMASINNRVYRTIGSPLVFPKHHVVSLQPVNDKDFQISVDHLSILHRDVQEIRYEVSA
KKIHFARFRSFPFWRRVHDSFIEDLEHHHHHH
;
_entity_poly.pdbx_strand_id   A
#
loop_
_chem_comp.id
_chem_comp.type
_chem_comp.name
_chem_comp.formula
CIT non-polymer 'CITRIC ACID' 'C6 H8 O7'
UZO non-polymer 1-[[(2~{R},3~{S},4~{R},5~{R})-5-[8-[3-[[(2~{R},3~{S},4~{R},5~{R})-5-(6-aminopurin-9-yl)-3,4-bis(oxidanyl)oxolan-2-yl]methyl-(3-azanylpropyl)amino]prop-1-ynyl]-6-azanyl-purin-9-yl]-3,4-bis(oxidanyl)oxolan-2-yl]methyl]-3-(phenylmethyl)urea 'C34 H42 N14 O7'
#
# COMPACT_ATOMS: atom_id res chain seq x y z
N MET A 1 9.43 -2.85 -23.23
CA MET A 1 9.61 -4.22 -23.72
C MET A 1 8.36 -5.05 -23.49
N LYS A 2 8.41 -5.95 -22.51
CA LYS A 2 7.24 -6.69 -22.11
C LYS A 2 6.36 -5.82 -21.22
N TYR A 3 5.05 -5.90 -21.43
CA TYR A 3 4.11 -5.08 -20.69
C TYR A 3 2.79 -5.84 -20.54
N MET A 4 2.00 -5.43 -19.55
CA MET A 4 0.63 -5.91 -19.45
C MET A 4 -0.22 -4.76 -18.94
N ILE A 5 -1.54 -4.92 -19.05
CA ILE A 5 -2.50 -3.90 -18.63
C ILE A 5 -3.62 -4.59 -17.88
N THR A 6 -3.88 -4.17 -16.65
CA THR A 6 -5.06 -4.61 -15.91
C THR A 6 -6.16 -3.58 -16.04
N SER A 7 -7.40 -4.03 -15.93
CA SER A 7 -8.56 -3.17 -16.07
C SER A 7 -9.49 -3.33 -14.88
N LYS A 8 -10.13 -2.22 -14.51
CA LYS A 8 -11.18 -2.27 -13.50
C LYS A 8 -12.34 -3.17 -13.93
N GLY A 9 -12.55 -3.30 -15.24
CA GLY A 9 -13.54 -4.22 -15.77
C GLY A 9 -14.84 -3.60 -16.21
N ASP A 10 -15.03 -2.29 -15.99
CA ASP A 10 -16.15 -1.61 -16.58
C ASP A 10 -15.86 -1.31 -18.05
N GLU A 11 -16.88 -0.80 -18.76
CA GLU A 11 -16.73 -0.56 -20.19
C GLU A 11 -15.63 0.45 -20.48
N LYS A 12 -15.59 1.55 -19.72
CA LYS A 12 -14.62 2.60 -19.99
C LYS A 12 -13.19 2.07 -19.90
N SER A 13 -12.89 1.28 -18.86
CA SER A 13 -11.53 0.82 -18.65
C SER A 13 -11.14 -0.29 -19.60
N ASP A 14 -12.07 -1.19 -19.92
CA ASP A 14 -11.76 -2.26 -20.89
C ASP A 14 -11.43 -1.68 -22.25
N LEU A 15 -12.17 -0.67 -22.69
CA LEU A 15 -11.95 -0.12 -24.01
C LEU A 15 -10.68 0.72 -24.06
N LEU A 16 -10.40 1.47 -23.00
CA LEU A 16 -9.13 2.16 -22.93
C LEU A 16 -7.97 1.17 -22.98
N ARG A 17 -8.11 0.03 -22.30
CA ARG A 17 -7.08 -1.01 -22.34
C ARG A 17 -6.87 -1.52 -23.75
N LEU A 18 -7.96 -1.86 -24.46
CA LEU A 18 -7.81 -2.37 -25.82
C LEU A 18 -7.18 -1.33 -26.75
N ASN A 19 -7.52 -0.05 -26.55
CA ASN A 19 -6.97 0.99 -27.39
C ASN A 19 -5.47 1.16 -27.15
N MET A 20 -5.03 1.05 -25.89
CA MET A 20 -3.60 1.16 -25.62
C MET A 20 -2.85 -0.04 -26.17
N ILE A 21 -3.43 -1.24 -26.09
CA ILE A 21 -2.82 -2.41 -26.69
C ILE A 21 -2.67 -2.23 -28.19
N ALA A 22 -3.72 -1.74 -28.85
CA ALA A 22 -3.62 -1.47 -30.28
C ALA A 22 -2.53 -0.43 -30.55
N GLY A 23 -2.48 0.63 -29.74
CA GLY A 23 -1.44 1.62 -29.92
C GLY A 23 -0.06 1.07 -29.65
N PHE A 24 0.06 0.19 -28.65
CA PHE A 24 1.34 -0.46 -28.38
C PHE A 24 1.77 -1.37 -29.51
N GLY A 25 0.82 -1.96 -30.24
CA GLY A 25 1.15 -2.82 -31.37
C GLY A 25 1.97 -2.14 -32.46
N GLU A 26 2.07 -0.82 -32.44
CA GLU A 26 2.83 -0.08 -33.43
C GLU A 26 4.28 0.17 -33.01
N TYR A 27 4.73 -0.44 -31.91
CA TYR A 27 6.09 -0.30 -31.42
C TYR A 27 6.65 -1.67 -31.05
N ASP A 28 7.94 -1.70 -30.73
CA ASP A 28 8.58 -2.93 -30.26
C ASP A 28 8.13 -3.22 -28.84
N MET A 29 6.85 -3.55 -28.67
CA MET A 29 6.26 -3.83 -27.38
C MET A 29 5.50 -5.14 -27.46
N GLU A 30 5.69 -5.99 -26.46
CA GLU A 30 5.14 -7.34 -26.45
C GLU A 30 4.25 -7.49 -25.22
N TYR A 31 3.00 -7.89 -25.43
CA TYR A 31 2.11 -8.13 -24.30
C TYR A 31 2.49 -9.43 -23.62
N ASP A 32 2.85 -9.34 -22.35
CA ASP A 32 3.22 -10.52 -21.56
C ASP A 32 2.81 -10.24 -20.12
N ASP A 33 1.83 -10.98 -19.62
CA ASP A 33 1.38 -10.83 -18.24
C ASP A 33 1.99 -11.88 -17.32
N VAL A 34 3.02 -12.60 -17.77
CA VAL A 34 3.74 -13.53 -16.92
C VAL A 34 4.98 -12.82 -16.38
N GLU A 35 5.82 -12.30 -17.27
CA GLU A 35 7.01 -11.56 -16.89
C GLU A 35 7.03 -10.17 -17.51
N PRO A 36 6.04 -9.33 -17.19
CA PRO A 36 6.06 -7.96 -17.72
C PRO A 36 7.14 -7.11 -17.07
N GLU A 37 7.61 -6.11 -17.80
CA GLU A 37 8.50 -5.11 -17.25
C GLU A 37 7.77 -3.80 -16.94
N ILE A 38 6.63 -3.57 -17.58
CA ILE A 38 5.76 -2.43 -17.29
C ILE A 38 4.38 -2.97 -17.00
N VAL A 39 3.78 -2.50 -15.90
CA VAL A 39 2.44 -2.89 -15.51
C VAL A 39 1.59 -1.64 -15.48
N ILE A 40 0.59 -1.57 -16.36
CA ILE A 40 -0.32 -0.44 -16.43
C ILE A 40 -1.63 -0.86 -15.77
N SER A 41 -2.07 -0.06 -14.81
CA SER A 41 -3.33 -0.28 -14.12
C SER A 41 -4.32 0.79 -14.56
N ILE A 42 -5.49 0.35 -15.05
CA ILE A 42 -6.52 1.26 -15.54
C ILE A 42 -7.74 1.10 -14.65
N GLY A 43 -8.05 2.14 -13.89
CA GLY A 43 -9.20 2.12 -13.00
C GLY A 43 -9.06 3.08 -11.85
N GLY A 44 -8.93 2.56 -10.64
CA GLY A 44 -8.74 3.40 -9.47
C GLY A 44 -7.58 2.88 -8.62
N ASP A 45 -7.48 3.34 -7.38
CA ASP A 45 -6.40 2.88 -6.51
C ASP A 45 -6.58 1.43 -6.13
N GLY A 46 -7.83 0.98 -5.96
CA GLY A 46 -8.06 -0.43 -5.70
C GLY A 46 -7.56 -1.31 -6.83
N THR A 47 -7.79 -0.88 -8.07
CA THR A 47 -7.25 -1.59 -9.22
C THR A 47 -5.72 -1.61 -9.18
N PHE A 48 -5.11 -0.46 -8.85
CA PHE A 48 -3.66 -0.41 -8.77
C PHE A 48 -3.14 -1.32 -7.67
N LEU A 49 -3.80 -1.34 -6.51
CA LEU A 49 -3.40 -2.20 -5.41
C LEU A 49 -3.40 -3.67 -5.84
N SER A 50 -4.40 -4.09 -6.62
CA SER A 50 -4.44 -5.47 -7.08
C SER A 50 -3.31 -5.77 -8.06
N ALA A 51 -2.98 -4.79 -8.92
CA ALA A 51 -1.87 -4.96 -9.84
C ALA A 51 -0.56 -5.15 -9.08
N PHE A 52 -0.34 -4.33 -8.05
CA PHE A 52 0.86 -4.48 -7.22
C PHE A 52 0.94 -5.87 -6.61
N HIS A 53 -0.15 -6.34 -6.03
CA HIS A 53 -0.14 -7.65 -5.37
C HIS A 53 -0.11 -8.78 -6.37
N GLN A 54 -0.64 -8.56 -7.58
CA GLN A 54 -0.53 -9.57 -8.62
C GLN A 54 0.93 -9.87 -8.94
N TYR A 55 1.80 -8.86 -8.87
CA TYR A 55 3.19 -8.99 -9.30
C TYR A 55 4.16 -8.68 -8.18
N GLU A 56 3.76 -8.89 -6.92
CA GLU A 56 4.63 -8.51 -5.81
C GLU A 56 5.85 -9.40 -5.68
N GLU A 57 5.97 -10.46 -6.47
CA GLU A 57 7.17 -11.29 -6.47
C GLU A 57 8.17 -10.88 -7.54
N ARG A 58 7.86 -9.86 -8.35
CA ARG A 58 8.77 -9.34 -9.36
C ARG A 58 8.86 -7.82 -9.27
N LEU A 59 8.84 -7.29 -8.05
CA LEU A 59 8.80 -5.83 -7.89
C LEU A 59 10.06 -5.16 -8.39
N ASP A 60 11.22 -5.83 -8.31
CA ASP A 60 12.46 -5.22 -8.77
C ASP A 60 12.60 -5.20 -10.28
N GLU A 61 11.75 -5.93 -11.01
CA GLU A 61 11.82 -5.99 -12.47
C GLU A 61 10.70 -5.21 -13.14
N ILE A 62 9.86 -4.51 -12.39
CA ILE A 62 8.63 -3.93 -12.91
C ILE A 62 8.56 -2.45 -12.56
N ALA A 63 8.14 -1.63 -13.53
CA ALA A 63 7.75 -0.26 -13.28
C ALA A 63 6.24 -0.13 -13.48
N PHE A 64 5.56 0.41 -12.47
CA PHE A 64 4.11 0.52 -12.48
C PHE A 64 3.66 1.89 -12.99
N ILE A 65 2.51 1.91 -13.64
CA ILE A 65 1.84 3.15 -14.06
C ILE A 65 0.34 3.01 -13.83
N GLY A 66 -0.27 4.02 -13.23
CA GLY A 66 -1.70 4.01 -12.97
C GLY A 66 -2.43 5.06 -13.79
N ILE A 67 -3.54 4.65 -14.39
CA ILE A 67 -4.45 5.54 -15.11
C ILE A 67 -5.79 5.52 -14.38
N HIS A 68 -6.28 6.69 -13.99
CA HIS A 68 -7.54 6.77 -13.25
C HIS A 68 -8.66 7.14 -14.22
N THR A 69 -9.60 6.22 -14.41
CA THR A 69 -10.77 6.48 -15.24
C THR A 69 -11.92 7.08 -14.44
N GLY A 70 -11.84 7.07 -13.12
CA GLY A 70 -12.70 7.85 -12.26
C GLY A 70 -11.98 9.08 -11.75
N HIS A 71 -12.27 9.45 -10.50
CA HIS A 71 -11.59 10.57 -9.87
CA HIS A 71 -11.59 10.59 -9.91
C HIS A 71 -10.09 10.29 -9.76
N LEU A 72 -9.32 11.35 -9.54
CA LEU A 72 -7.87 11.20 -9.40
C LEU A 72 -7.54 10.23 -8.27
N GLY A 73 -6.65 9.29 -8.57
CA GLY A 73 -6.16 8.38 -7.55
C GLY A 73 -4.75 8.74 -7.15
N PHE A 74 -4.34 8.33 -5.96
CA PHE A 74 -2.98 8.66 -5.52
C PHE A 74 -1.94 7.79 -6.20
N TYR A 75 -2.31 6.59 -6.63
CA TYR A 75 -1.43 5.75 -7.41
C TYR A 75 -1.73 5.84 -8.90
N ALA A 76 -3.01 5.77 -9.27
CA ALA A 76 -3.45 5.97 -10.64
C ALA A 76 -3.58 7.47 -10.87
N ASP A 77 -2.47 8.10 -11.24
CA ASP A 77 -2.38 9.55 -11.29
C ASP A 77 -2.30 10.10 -12.72
N TRP A 78 -2.66 9.30 -13.72
CA TRP A 78 -2.70 9.73 -15.11
C TRP A 78 -4.15 9.75 -15.61
N ARG A 79 -4.49 10.79 -16.43
CA ARG A 79 -5.85 10.84 -16.98
C ARG A 79 -5.95 10.01 -18.26
N PRO A 80 -7.15 9.52 -18.58
CA PRO A 80 -7.32 8.72 -19.81
C PRO A 80 -6.96 9.47 -21.08
N ALA A 81 -7.11 10.80 -21.10
CA ALA A 81 -6.78 11.58 -22.29
C ALA A 81 -5.30 11.53 -22.63
N GLU A 82 -4.44 11.24 -21.65
CA GLU A 82 -3.00 11.15 -21.87
C GLU A 82 -2.56 9.74 -22.24
N ALA A 83 -3.49 8.83 -22.50
CA ALA A 83 -3.13 7.44 -22.75
C ALA A 83 -2.28 7.31 -24.01
N ASP A 84 -2.68 8.01 -25.09
CA ASP A 84 -1.87 7.97 -26.31
C ASP A 84 -0.48 8.54 -26.08
N LYS A 85 -0.39 9.66 -25.35
CA LYS A 85 0.92 10.21 -25.00
C LYS A 85 1.72 9.22 -24.16
N LEU A 86 1.03 8.51 -23.26
CA LEU A 86 1.69 7.53 -22.41
C LEU A 86 2.24 6.38 -23.24
N VAL A 87 1.43 5.86 -24.16
CA VAL A 87 1.88 4.80 -25.06
C VAL A 87 3.17 5.20 -25.75
N LYS A 88 3.18 6.40 -26.34
CA LYS A 88 4.33 6.87 -27.10
C LYS A 88 5.57 6.97 -26.21
N LEU A 89 5.43 7.61 -25.04
CA LEU A 89 6.58 7.79 -24.16
C LEU A 89 7.05 6.46 -23.59
N LEU A 90 6.12 5.58 -23.24
CA LEU A 90 6.49 4.26 -22.74
C LEU A 90 7.27 3.47 -23.77
N ALA A 91 6.79 3.46 -25.01
CA ALA A 91 7.44 2.68 -26.06
C ALA A 91 8.88 3.12 -26.26
N LYS A 92 9.10 4.42 -26.39
CA LYS A 92 10.46 4.94 -26.50
C LYS A 92 11.30 4.52 -25.29
N GLY A 93 10.73 4.64 -24.09
CA GLY A 93 11.46 4.31 -22.89
C GLY A 93 12.28 5.48 -22.39
N GLU A 94 13.47 5.20 -21.85
CA GLU A 94 14.33 6.21 -21.26
C GLU A 94 13.62 7.00 -20.16
N TYR A 95 12.63 6.39 -19.53
CA TYR A 95 11.90 7.04 -18.45
C TYR A 95 12.64 6.83 -17.13
N GLN A 96 12.47 7.80 -16.23
CA GLN A 96 13.02 7.66 -14.90
C GLN A 96 12.07 6.86 -14.02
N LYS A 97 12.64 6.20 -13.02
CA LYS A 97 11.88 5.44 -12.03
C LYS A 97 11.96 6.14 -10.68
N VAL A 98 10.84 6.15 -9.96
CA VAL A 98 10.78 6.59 -8.58
C VAL A 98 10.31 5.42 -7.74
N SER A 99 10.84 5.32 -6.53
CA SER A 99 10.56 4.19 -5.65
C SER A 99 9.91 4.67 -4.37
N TYR A 100 8.89 3.95 -3.93
CA TYR A 100 8.20 4.18 -2.67
C TYR A 100 8.47 3.04 -1.69
N PRO A 101 8.58 3.32 -0.39
CA PRO A 101 8.83 2.25 0.57
C PRO A 101 7.59 1.40 0.79
N LEU A 102 7.82 0.18 1.27
CA LEU A 102 6.76 -0.79 1.52
C LEU A 102 6.88 -1.31 2.95
N LEU A 103 5.80 -1.92 3.42
CA LEU A 103 5.70 -2.43 4.78
C LEU A 103 5.69 -3.95 4.76
N LYS A 104 6.52 -4.56 5.60
CA LYS A 104 6.56 -6.00 5.76
C LYS A 104 5.83 -6.41 7.04
N THR A 105 4.90 -7.34 6.91
CA THR A 105 4.15 -7.89 8.04
C THR A 105 4.47 -9.37 8.16
N THR A 106 4.90 -9.80 9.34
CA THR A 106 5.15 -11.21 9.61
C THR A 106 4.16 -11.69 10.67
N VAL A 107 3.46 -12.77 10.37
CA VAL A 107 2.50 -13.37 11.28
C VAL A 107 3.05 -14.72 11.72
N LYS A 108 3.29 -14.88 13.01
CA LYS A 108 3.80 -16.12 13.57
C LYS A 108 2.68 -16.86 14.29
N TYR A 109 2.72 -18.20 14.21
CA TYR A 109 1.72 -19.04 14.86
C TYR A 109 2.38 -20.04 15.79
N GLY A 110 1.70 -21.16 16.04
CA GLY A 110 2.24 -22.23 16.86
C GLY A 110 2.01 -23.60 16.24
N LYS A 114 5.19 -21.97 12.54
CA LYS A 114 4.94 -21.57 11.16
C LYS A 114 4.84 -20.05 11.05
N GLU A 115 5.08 -19.52 9.84
CA GLU A 115 5.20 -18.09 9.65
C GLU A 115 4.66 -17.71 8.28
N ALA A 116 3.95 -16.58 8.23
CA ALA A 116 3.50 -15.99 6.98
C ALA A 116 3.95 -14.54 6.92
N THR A 117 4.40 -14.11 5.74
CA THR A 117 4.84 -12.75 5.51
C THR A 117 4.04 -12.12 4.38
N TYR A 118 3.72 -10.83 4.54
CA TYR A 118 2.94 -10.07 3.57
C TYR A 118 3.60 -8.74 3.33
N LEU A 119 3.37 -8.20 2.13
CA LEU A 119 3.90 -6.89 1.72
C LEU A 119 2.73 -5.96 1.51
N ALA A 120 2.82 -4.73 2.04
CA ALA A 120 1.75 -3.77 1.93
C ALA A 120 2.23 -2.51 1.22
N LEU A 121 1.42 -1.99 0.31
CA LEU A 121 1.66 -0.70 -0.31
C LEU A 121 0.93 0.42 0.43
N ASN A 122 -0.27 0.14 0.96
CA ASN A 122 -0.97 1.12 1.77
C ASN A 122 -0.73 0.88 3.26
N GLU A 123 -1.25 -0.21 3.81
CA GLU A 123 -1.14 -0.43 5.24
C GLU A 123 -1.51 -1.88 5.57
N SER A 124 -1.20 -2.26 6.81
CA SER A 124 -1.69 -3.48 7.42
C SER A 124 -2.38 -3.13 8.73
N THR A 125 -3.56 -3.69 8.97
CA THR A 125 -4.30 -3.42 10.19
C THR A 125 -4.58 -4.72 10.93
N VAL A 126 -4.77 -4.59 12.23
CA VAL A 126 -5.13 -5.73 13.10
C VAL A 126 -6.36 -5.35 13.89
N LYS A 127 -7.35 -6.24 13.88
CA LYS A 127 -8.56 -6.13 14.69
C LYS A 127 -8.84 -7.50 15.30
N SER A 128 -9.77 -7.55 16.24
CA SER A 128 -10.09 -8.81 16.88
C SER A 128 -11.09 -9.60 16.04
N SER A 129 -11.27 -10.88 16.41
CA SER A 129 -12.23 -11.74 15.73
C SER A 129 -13.67 -11.42 16.08
N GLY A 130 -13.90 -10.73 17.19
CA GLY A 130 -15.25 -10.37 17.61
C GLY A 130 -15.30 -9.75 18.98
N GLY A 131 -14.54 -10.30 19.92
CA GLY A 131 -14.49 -9.78 21.27
C GLY A 131 -13.55 -8.60 21.39
N PRO A 132 -13.07 -8.35 22.60
CA PRO A 132 -12.17 -7.21 22.82
C PRO A 132 -10.81 -7.45 22.18
N PHE A 133 -10.22 -6.36 21.69
CA PHE A 133 -8.88 -6.38 21.12
C PHE A 133 -7.91 -5.86 22.16
N VAL A 134 -6.98 -6.72 22.59
CA VAL A 134 -5.96 -6.37 23.57
C VAL A 134 -4.64 -6.96 23.09
N VAL A 135 -3.65 -6.12 22.83
CA VAL A 135 -2.32 -6.59 22.49
C VAL A 135 -1.28 -5.79 23.24
N ASP A 136 -0.15 -6.44 23.52
CA ASP A 136 1.03 -5.77 24.02
C ASP A 136 1.85 -5.28 22.84
N VAL A 137 2.22 -4.01 22.85
CA VAL A 137 2.99 -3.40 21.78
C VAL A 137 4.45 -3.36 22.22
N VAL A 138 5.31 -4.03 21.47
CA VAL A 138 6.72 -4.18 21.79
C VAL A 138 7.54 -3.56 20.66
N ILE A 139 8.37 -2.58 20.99
CA ILE A 139 9.18 -1.85 20.02
C ILE A 139 10.63 -2.21 20.27
N ASN A 140 11.26 -2.88 19.31
CA ASN A 140 12.65 -3.32 19.41
C ASN A 140 12.91 -4.03 20.74
N ASP A 141 12.00 -4.96 21.07
CA ASP A 141 12.03 -5.82 22.25
C ASP A 141 11.69 -5.09 23.54
N ILE A 142 11.35 -3.81 23.49
CA ILE A 142 10.98 -3.03 24.67
C ILE A 142 9.46 -2.99 24.75
N HIS A 143 8.89 -3.42 25.88
CA HIS A 143 7.44 -3.33 26.05
CA HIS A 143 7.45 -3.33 26.05
C HIS A 143 7.05 -1.87 26.17
N PHE A 144 6.26 -1.39 25.21
CA PHE A 144 5.88 0.01 25.12
C PHE A 144 4.51 0.31 25.72
N GLU A 145 3.50 -0.50 25.44
CA GLU A 145 2.17 -0.23 25.95
C GLU A 145 1.33 -1.47 25.78
N ARG A 146 0.27 -1.57 26.58
CA ARG A 146 -0.80 -2.54 26.36
C ARG A 146 -1.98 -1.81 25.73
N PHE A 147 -2.30 -2.16 24.49
CA PHE A 147 -3.33 -1.47 23.72
C PHE A 147 -4.66 -2.19 23.84
N ARG A 148 -5.69 -1.47 24.29
CA ARG A 148 -7.07 -1.93 24.30
C ARG A 148 -7.88 -0.98 23.45
N GLY A 149 -8.63 -1.52 22.49
CA GLY A 149 -9.43 -0.69 21.62
C GLY A 149 -9.94 -1.48 20.43
N ASP A 150 -10.24 -0.76 19.35
CA ASP A 150 -10.77 -1.40 18.15
C ASP A 150 -9.67 -2.07 17.32
N GLY A 151 -8.46 -1.51 17.33
CA GLY A 151 -7.38 -2.09 16.56
C GLY A 151 -6.30 -1.08 16.28
N LEU A 152 -5.38 -1.49 15.41
CA LEU A 152 -4.18 -0.73 15.09
C LEU A 152 -3.95 -0.77 13.59
N CYS A 153 -3.33 0.28 13.08
CA CYS A 153 -3.05 0.44 11.66
C CYS A 153 -1.58 0.83 11.47
N MET A 154 -0.85 0.08 10.66
CA MET A 154 0.53 0.40 10.34
C MET A 154 0.60 0.74 8.85
N SER A 155 1.01 1.97 8.56
CA SER A 155 0.91 2.54 7.22
C SER A 155 2.29 2.78 6.63
N THR A 156 2.41 2.56 5.32
CA THR A 156 3.54 3.03 4.54
C THR A 156 3.45 4.55 4.38
N PRO A 157 4.52 5.18 3.89
CA PRO A 157 4.41 6.63 3.56
C PRO A 157 3.32 6.93 2.55
N SER A 158 3.28 6.23 1.41
CA SER A 158 2.23 6.51 0.44
C SER A 158 0.86 6.11 0.98
N GLY A 159 0.83 5.16 1.91
CA GLY A 159 -0.42 4.83 2.57
C GLY A 159 -0.92 5.88 3.54
N THR A 160 -0.09 6.87 3.90
CA THR A 160 -0.50 7.80 4.95
C THR A 160 -1.70 8.63 4.56
N THR A 161 -1.96 8.79 3.25
CA THR A 161 -3.14 9.52 2.78
C THR A 161 -4.40 8.66 2.71
N ALA A 162 -4.33 7.41 3.14
CA ALA A 162 -5.44 6.46 3.03
C ALA A 162 -6.04 6.24 4.42
N TYR A 163 -6.23 4.99 4.86
CA TYR A 163 -6.80 4.70 6.17
C TYR A 163 -6.11 5.49 7.29
N ASN A 164 -4.78 5.56 7.23
CA ASN A 164 -3.99 6.29 8.22
C ASN A 164 -4.49 7.72 8.40
N LYS A 165 -4.83 8.39 7.31
CA LYS A 165 -5.32 9.76 7.40
C LYS A 165 -6.63 9.83 8.17
N SER A 166 -7.54 8.90 7.90
CA SER A 166 -8.83 8.89 8.59
C SER A 166 -8.68 8.61 10.08
N LEU A 167 -7.57 8.03 10.50
CA LEU A 167 -7.33 7.72 11.90
C LEU A 167 -6.53 8.80 12.62
N GLY A 168 -6.29 9.94 11.97
CA GLY A 168 -5.56 11.02 12.59
C GLY A 168 -4.06 11.01 12.34
N GLY A 169 -3.56 10.09 11.52
CA GLY A 169 -2.14 10.01 11.28
C GLY A 169 -1.62 11.18 10.46
N ALA A 170 -0.31 11.35 10.50
CA ALA A 170 0.34 12.39 9.72
C ALA A 170 0.52 11.92 8.27
N LEU A 171 0.52 12.88 7.35
CA LEU A 171 0.87 12.62 5.96
C LEU A 171 2.37 12.74 5.80
N MET A 172 3.02 11.69 5.31
CA MET A 172 4.47 11.66 5.17
C MET A 172 4.86 11.62 3.70
N HIS A 173 5.88 12.39 3.35
CA HIS A 173 6.40 12.32 2.00
C HIS A 173 7.02 10.94 1.76
N PRO A 174 6.77 10.32 0.61
CA PRO A 174 7.19 8.93 0.40
C PRO A 174 8.69 8.74 0.25
N SER A 175 9.48 9.82 0.17
CA SER A 175 10.92 9.66 0.20
C SER A 175 11.44 9.27 1.58
N ILE A 176 10.60 9.32 2.60
CA ILE A 176 11.00 8.96 3.96
C ILE A 176 10.75 7.48 4.17
N GLU A 177 11.82 6.72 4.42
CA GLU A 177 11.70 5.28 4.62
C GLU A 177 11.24 5.03 6.04
N ALA A 178 9.93 4.88 6.21
CA ALA A 178 9.35 4.81 7.54
C ALA A 178 8.02 4.08 7.46
N MET A 179 7.46 3.78 8.63
CA MET A 179 6.11 3.26 8.76
C MET A 179 5.46 3.99 9.94
N GLN A 180 4.14 4.12 9.88
CA GLN A 180 3.41 4.90 10.88
C GLN A 180 2.30 4.08 11.50
N LEU A 181 2.25 4.06 12.83
CA LEU A 181 1.29 3.28 13.59
C LEU A 181 0.24 4.19 14.20
N THR A 182 -1.03 3.97 13.85
CA THR A 182 -2.12 4.76 14.41
C THR A 182 -3.09 3.87 15.17
N GLU A 183 -3.73 4.47 16.17
CA GLU A 183 -4.70 3.78 17.02
C GLU A 183 -6.11 3.88 16.46
N MET A 184 -6.90 2.83 16.65
CA MET A 184 -8.34 2.84 16.39
C MET A 184 -9.06 2.80 17.74
N ALA A 185 -9.70 3.91 18.11
CA ALA A 185 -10.54 4.00 19.30
C ALA A 185 -9.96 3.30 20.52
N SER A 186 -8.89 3.82 21.09
CA SER A 186 -8.30 3.23 22.28
C SER A 186 -9.07 3.67 23.53
N ILE A 187 -9.13 2.77 24.50
CA ILE A 187 -9.66 3.11 25.82
C ILE A 187 -8.54 3.69 26.66
N ASN A 188 -8.80 4.82 27.28
CA ASN A 188 -7.84 5.46 28.18
C ASN A 188 -8.58 5.91 29.42
N ASN A 189 -8.20 5.35 30.56
CA ASN A 189 -8.77 5.75 31.84
C ASN A 189 -7.66 5.67 32.88
N ARG A 190 -8.04 5.50 34.14
CA ARG A 190 -7.06 5.37 35.20
C ARG A 190 -6.18 4.14 35.00
N VAL A 191 -6.79 3.01 34.68
CA VAL A 191 -6.07 1.74 34.64
C VAL A 191 -5.53 1.37 33.25
N TYR A 192 -6.02 2.00 32.19
CA TYR A 192 -5.61 1.66 30.83
C TYR A 192 -5.02 2.89 30.16
N ARG A 193 -3.78 2.78 29.65
CA ARG A 193 -3.03 3.90 29.13
C ARG A 193 -2.39 3.51 27.81
N THR A 194 -2.67 4.27 26.74
CA THR A 194 -1.94 4.18 25.49
C THR A 194 -1.34 5.53 25.16
N ILE A 195 -0.46 5.56 24.15
CA ILE A 195 0.23 6.80 23.84
C ILE A 195 -0.72 7.78 23.14
N GLY A 196 -1.71 7.27 22.41
CA GLY A 196 -2.64 8.13 21.70
C GLY A 196 -2.08 8.59 20.37
N SER A 197 -0.94 9.28 20.43
CA SER A 197 -0.36 9.88 19.24
C SER A 197 0.02 8.82 18.21
N PRO A 198 -0.05 9.17 16.92
CA PRO A 198 0.59 8.33 15.91
C PRO A 198 2.09 8.21 16.20
N LEU A 199 2.65 7.05 15.86
CA LEU A 199 4.08 6.80 16.03
C LEU A 199 4.70 6.55 14.66
N VAL A 200 5.82 7.22 14.38
CA VAL A 200 6.52 7.08 13.11
C VAL A 200 7.86 6.42 13.38
N PHE A 201 8.11 5.28 12.71
CA PHE A 201 9.25 4.39 12.91
C PHE A 201 10.18 4.39 11.72
N PRO A 202 11.49 4.46 11.93
CA PRO A 202 12.44 4.42 10.82
C PRO A 202 12.69 2.98 10.37
N LYS A 203 13.50 2.84 9.33
CA LYS A 203 13.97 1.53 8.91
C LYS A 203 14.67 0.83 10.07
N HIS A 204 14.54 -0.49 10.11
CA HIS A 204 15.19 -1.42 11.03
C HIS A 204 14.58 -1.41 12.42
N HIS A 205 13.57 -0.58 12.70
CA HIS A 205 12.81 -0.72 13.92
C HIS A 205 11.71 -1.76 13.72
N VAL A 206 11.55 -2.65 14.70
CA VAL A 206 10.58 -3.73 14.63
C VAL A 206 9.49 -3.46 15.67
N VAL A 207 8.25 -3.35 15.22
CA VAL A 207 7.10 -3.25 16.10
C VAL A 207 6.42 -4.61 16.13
N SER A 208 6.27 -5.17 17.33
CA SER A 208 5.72 -6.50 17.53
C SER A 208 4.45 -6.39 18.35
N LEU A 209 3.38 -7.02 17.88
CA LEU A 209 2.12 -7.09 18.61
C LEU A 209 1.99 -8.50 19.18
N GLN A 210 1.73 -8.59 20.48
CA GLN A 210 1.70 -9.88 21.14
C GLN A 210 0.37 -10.02 21.88
N PRO A 211 -0.35 -11.12 21.67
CA PRO A 211 -1.67 -11.26 22.29
C PRO A 211 -1.58 -11.34 23.79
N VAL A 212 -2.66 -10.89 24.44
CA VAL A 212 -2.78 -10.96 25.90
C VAL A 212 -3.68 -12.10 26.33
N ASN A 213 -4.87 -12.19 25.74
CA ASN A 213 -5.77 -13.31 26.02
C ASN A 213 -6.15 -14.02 24.74
N ASP A 214 -7.08 -13.44 23.97
CA ASP A 214 -7.48 -14.03 22.71
C ASP A 214 -6.32 -14.00 21.71
N LYS A 215 -6.17 -15.10 20.97
CA LYS A 215 -5.10 -15.22 19.98
C LYS A 215 -5.61 -15.20 18.54
N ASP A 216 -6.89 -14.90 18.31
CA ASP A 216 -7.45 -14.81 16.98
C ASP A 216 -7.60 -13.35 16.57
N PHE A 217 -7.16 -13.03 15.36
CA PHE A 217 -7.16 -11.65 14.88
C PHE A 217 -7.55 -11.57 13.42
N GLN A 218 -8.32 -10.55 13.08
CA GLN A 218 -8.59 -10.22 11.68
C GLN A 218 -7.49 -9.27 11.22
N ILE A 219 -6.66 -9.74 10.28
CA ILE A 219 -5.51 -8.97 9.80
C ILE A 219 -5.77 -8.58 8.35
N SER A 220 -5.65 -7.28 8.06
CA SER A 220 -5.79 -6.78 6.70
C SER A 220 -4.44 -6.37 6.17
N VAL A 221 -4.25 -6.58 4.87
CA VAL A 221 -3.10 -6.07 4.12
C VAL A 221 -3.66 -5.44 2.87
N ASP A 222 -3.64 -4.11 2.81
CA ASP A 222 -4.28 -3.37 1.73
C ASP A 222 -5.75 -3.82 1.65
N HIS A 223 -6.24 -4.29 0.49
CA HIS A 223 -7.65 -4.67 0.44
C HIS A 223 -7.90 -6.00 1.17
N LEU A 224 -6.92 -6.90 1.17
CA LEU A 224 -7.14 -8.27 1.62
C LEU A 224 -7.28 -8.35 3.14
N SER A 225 -8.30 -9.06 3.62
CA SER A 225 -8.54 -9.22 5.06
C SER A 225 -8.79 -10.69 5.38
N ILE A 226 -8.00 -11.24 6.30
CA ILE A 226 -8.01 -12.66 6.60
C ILE A 226 -8.08 -12.86 8.12
N LEU A 227 -8.90 -13.81 8.55
CA LEU A 227 -8.91 -14.22 9.95
C LEU A 227 -7.74 -15.15 10.21
N HIS A 228 -6.83 -14.74 11.09
CA HIS A 228 -5.71 -15.57 11.49
C HIS A 228 -6.00 -16.16 12.87
N ARG A 229 -5.73 -17.45 13.02
CA ARG A 229 -5.99 -18.16 14.26
C ARG A 229 -4.68 -18.62 14.89
N ASP A 230 -4.67 -18.67 16.22
CA ASP A 230 -3.53 -19.12 17.00
C ASP A 230 -2.29 -18.27 16.73
N VAL A 231 -2.48 -16.95 16.77
CA VAL A 231 -1.40 -16.01 16.52
C VAL A 231 -0.57 -15.86 17.78
N GLN A 232 0.75 -15.98 17.63
CA GLN A 232 1.67 -15.69 18.73
C GLN A 232 2.31 -14.31 18.63
N GLU A 233 2.33 -13.72 17.43
CA GLU A 233 3.04 -12.46 17.23
C GLU A 233 2.72 -11.91 15.85
N ILE A 234 2.63 -10.59 15.76
CA ILE A 234 2.55 -9.86 14.50
C ILE A 234 3.70 -8.86 14.48
N ARG A 235 4.55 -8.94 13.47
CA ARG A 235 5.76 -8.12 13.40
C ARG A 235 5.70 -7.18 12.21
N TYR A 236 5.94 -5.89 12.47
CA TYR A 236 5.97 -4.85 11.45
C TYR A 236 7.36 -4.27 11.32
N GLU A 237 7.80 -4.06 10.08
CA GLU A 237 9.04 -3.35 9.81
C GLU A 237 9.01 -2.85 8.37
N VAL A 238 9.75 -1.77 8.10
CA VAL A 238 9.87 -1.29 6.73
C VAL A 238 10.55 -2.36 5.90
N SER A 239 9.94 -2.70 4.76
CA SER A 239 10.50 -3.72 3.89
C SER A 239 11.80 -3.24 3.26
N ALA A 240 12.66 -4.19 2.90
CA ALA A 240 13.79 -3.89 2.04
C ALA A 240 13.38 -3.74 0.58
N LYS A 241 12.20 -4.25 0.22
CA LYS A 241 11.69 -4.16 -1.14
C LYS A 241 10.97 -2.84 -1.34
N LYS A 242 11.02 -2.32 -2.56
CA LYS A 242 10.37 -1.08 -2.91
C LYS A 242 9.56 -1.27 -4.19
N ILE A 243 8.49 -0.49 -4.30
CA ILE A 243 7.73 -0.46 -5.55
C ILE A 243 8.29 0.66 -6.42
N HIS A 244 8.38 0.41 -7.71
CA HIS A 244 8.95 1.35 -8.66
C HIS A 244 7.87 1.85 -9.61
N PHE A 245 7.82 3.17 -9.79
CA PHE A 245 6.90 3.81 -10.74
C PHE A 245 7.68 4.36 -11.93
N ALA A 246 7.13 4.20 -13.12
CA ALA A 246 7.62 4.94 -14.27
C ALA A 246 7.13 6.38 -14.15
N ARG A 247 8.06 7.33 -14.17
CA ARG A 247 7.70 8.75 -14.13
C ARG A 247 7.98 9.36 -15.50
N PHE A 248 7.01 10.12 -16.01
CA PHE A 248 7.16 10.79 -17.29
C PHE A 248 7.05 12.30 -17.20
N ARG A 249 6.46 12.83 -16.13
CA ARG A 249 6.47 14.27 -15.89
C ARG A 249 6.44 14.50 -14.38
N SER A 250 6.60 15.76 -14.00
CA SER A 250 6.55 16.11 -12.59
C SER A 250 5.11 16.13 -12.11
N PHE A 251 4.82 15.32 -11.11
CA PHE A 251 3.56 15.39 -10.37
C PHE A 251 3.93 15.23 -8.91
N PRO A 252 4.36 16.31 -8.26
CA PRO A 252 4.88 16.20 -6.89
C PRO A 252 3.85 15.65 -5.92
N PHE A 253 4.33 14.90 -4.93
CA PHE A 253 3.45 14.29 -3.94
C PHE A 253 2.56 15.32 -3.25
N TRP A 254 3.13 16.46 -2.86
CA TRP A 254 2.34 17.47 -2.15
C TRP A 254 1.34 18.14 -3.06
N ARG A 255 1.62 18.23 -4.37
CA ARG A 255 0.60 18.67 -5.30
C ARG A 255 -0.49 17.62 -5.45
N ARG A 256 -0.11 16.34 -5.48
CA ARG A 256 -1.07 15.25 -5.47
C ARG A 256 -1.95 15.29 -4.23
N VAL A 257 -1.36 15.55 -3.07
CA VAL A 257 -2.14 15.74 -1.85
C VAL A 257 -3.07 16.93 -2.00
N HIS A 258 -2.55 18.05 -2.52
CA HIS A 258 -3.39 19.24 -2.71
C HIS A 258 -4.57 18.94 -3.62
N ASP A 259 -4.29 18.31 -4.77
CA ASP A 259 -5.35 18.06 -5.76
C ASP A 259 -6.43 17.13 -5.21
N SER A 260 -6.06 16.22 -4.31
CA SER A 260 -7.02 15.23 -3.82
C SER A 260 -7.84 15.72 -2.63
N PHE A 261 -7.24 16.52 -1.74
CA PHE A 261 -7.92 16.91 -0.50
C PHE A 261 -8.27 18.39 -0.42
N ILE A 262 -7.59 19.27 -1.14
CA ILE A 262 -7.87 20.70 -1.01
C ILE A 262 -8.78 21.13 -2.16
N GLU A 263 -8.37 20.87 -3.40
CA GLU A 263 -9.11 21.31 -4.58
C GLU A 263 -8.43 20.88 -5.87
N ASP A 264 -9.21 20.58 -6.91
CA ASP A 264 -8.65 20.27 -8.23
C ASP A 264 -9.48 20.91 -9.34
C1 CIT B . 8.08 14.44 -5.24
O1 CIT B . 7.04 14.40 -4.54
O2 CIT B . 8.71 15.51 -5.26
C2 CIT B . 8.57 13.25 -6.02
C3 CIT B . 7.51 12.57 -6.88
O7 CIT B . 6.80 13.56 -7.67
C4 CIT B . 8.17 11.56 -7.83
C5 CIT B . 8.94 12.29 -8.91
O3 CIT B . 10.19 12.30 -8.88
O4 CIT B . 8.35 12.86 -9.85
C6 CIT B . 6.50 11.82 -6.02
O5 CIT B . 6.89 11.04 -5.12
O6 CIT B . 5.27 11.97 -6.22
N1 UZO C . -9.51 0.45 -1.05
C7 UZO C . -5.09 5.66 -1.18
C8 UZO C . -3.90 6.31 -0.82
N2 UZO C . -5.38 4.33 -1.42
C9 UZO C . -5.12 8.27 -0.76
O1 UZO C . -13.25 3.32 0.14
C1 UZO C . -10.65 -1.47 -2.19
O5 UZO C . -6.18 2.35 2.97
C5 UZO C . -7.46 3.15 -1.89
C6 UZO C . -6.68 4.32 -1.68
N3 UZO C . -2.72 5.68 -0.66
C4 UZO C . -7.99 2.09 -2.05
O4 UZO C . -9.17 1.56 1.60
C3 UZO C . -8.76 0.84 -2.23
O3 UZO C . -8.75 6.53 -4.26
C2 UZO C . -10.78 -0.25 -1.30
N4 UZO C . -3.95 7.64 -0.61
N UZO C . -12.92 -1.03 -3.10
C UZO C . -12.01 -2.05 -2.57
O UZO C . -9.48 5.31 -0.97
C10 UZO C . -6.22 6.45 -1.30
C11 UZO C . -8.63 5.96 -1.89
C12 UZO C . -10.76 5.04 -1.60
C13 UZO C . -11.06 3.56 -1.58
C14 UZO C . -12.19 2.81 0.46
C15 UZO C . -13.21 1.63 2.36
C16 UZO C . -13.34 0.14 2.54
C17 UZO C . -13.19 -0.72 1.46
C18 UZO C . -13.29 -2.09 1.62
C19 UZO C . -13.53 -2.62 2.86
C20 UZO C . -13.68 -1.78 3.94
C21 UZO C . -13.59 -0.41 3.78
C22 UZO C . -10.67 5.67 -2.99
C23 UZO C . -9.17 5.60 -3.28
C24 UZO C . -8.71 -0.20 0.01
C25 UZO C . -8.11 0.83 0.94
C26 UZO C . -8.59 2.23 2.70
C27 UZO C . -7.30 1.49 3.09
C28 UZO C . -7.26 0.31 2.10
C29 UZO C . -10.16 1.29 4.46
C30 UZO C . -10.88 3.06 5.38
C31 UZO C . -11.46 4.07 6.17
C32 UZO C . -10.32 5.60 4.86
C33 UZO C . -10.03 3.47 4.37
N10 UZO C . -10.95 1.68 5.43
N11 UZO C . -12.29 3.84 7.19
N12 UZO C . -11.15 5.36 5.87
N13 UZO C . -9.72 4.73 4.05
N5 UZO C . -6.30 7.77 -1.11
N6 UZO C . -7.25 5.58 -1.64
N7 UZO C . -11.06 2.98 -0.25
N8 UZO C . -12.07 2.01 1.56
N9 UZO C . -9.57 2.33 3.78
O2 UZO C . -11.13 7.02 -2.95
O6 UZO C . -5.93 0.02 1.68
#